data_4WR7
#
_entry.id   4WR7
#
_cell.length_a   62.353
_cell.length_b   72.034
_cell.length_c   121.110
_cell.angle_alpha   90.000
_cell.angle_beta   90.000
_cell.angle_gamma   90.000
#
_symmetry.space_group_name_H-M   'P 21 21 21'
#
loop_
_entity.id
_entity.type
_entity.pdbx_description
1 polymer 'Carbonic anhydrase 1'
2 non-polymer 'ZINC ION'
3 non-polymer 2,3,5,6-tetrafluoro-4-(propylsulfanyl)benzenesulfonamide
4 non-polymer DI(HYDROXYETHYL)ETHER
5 non-polymer 'ACETATE ION'
6 non-polymer 1,2-ETHANEDIOL
7 water water
#
_entity_poly.entity_id   1
_entity_poly.type   'polypeptide(L)'
_entity_poly.pdbx_seq_one_letter_code
;MSPDWGYDDKNGPEQWSKLYPIANGNNQSPVDIKTSETKHDTSLKPISVSYNPATAKEIINVGHSFHVNFEDNDNRSVLK
GGPFSDSYRLFQFHFHWGSTNEHGSEHTVDGVKYSAELHVAHWNSAKYSSLAEAASKADGLAVIGVLMKVGEANPKLQKV
LDALQAIKTKGKRAPFTNFDPSTLLPSSLDFWTYPGSLTHPPLYESVTWIICKESISVSSEQLAQFRSLLSNVEGDNAVP
MQHNNRPTQPLKGRTVRASF
;
_entity_poly.pdbx_strand_id   A,B
#
# COMPACT_ATOMS: atom_id res chain seq x y z
N PRO A 3 33.97 19.72 1.60
CA PRO A 3 33.68 18.37 1.06
C PRO A 3 33.00 18.44 -0.30
N ASP A 4 32.85 17.29 -0.95
CA ASP A 4 32.19 17.30 -2.23
C ASP A 4 30.65 17.27 -2.12
N TRP A 5 30.13 17.40 -0.88
CA TRP A 5 28.68 17.35 -0.67
C TRP A 5 28.26 18.36 0.34
N GLY A 6 27.00 18.78 0.24
CA GLY A 6 26.38 19.66 1.19
C GLY A 6 24.89 19.65 1.03
N TYR A 7 24.33 20.81 1.33
CA TYR A 7 22.86 20.95 1.21
C TYR A 7 22.52 22.08 0.23
N ASP A 8 23.52 22.63 -0.47
CA ASP A 8 23.20 23.71 -1.48
C ASP A 8 22.63 23.12 -2.75
N ASP A 9 22.20 23.98 -3.67
N ASP A 9 22.20 24.00 -3.67
CA ASP A 9 21.57 23.49 -4.88
CA ASP A 9 21.57 23.57 -4.92
C ASP A 9 22.52 22.62 -5.70
C ASP A 9 22.49 22.71 -5.79
N LYS A 10 23.77 23.04 -5.77
CA LYS A 10 24.77 22.34 -6.57
C LYS A 10 25.29 21.08 -5.92
N ASN A 11 25.46 21.13 -4.59
CA ASN A 11 26.09 19.96 -3.96
C ASN A 11 25.12 19.18 -3.08
N GLY A 12 23.83 19.45 -3.22
CA GLY A 12 22.86 18.96 -2.26
C GLY A 12 22.26 17.62 -2.58
N PRO A 13 21.22 17.23 -1.80
CA PRO A 13 20.64 15.91 -1.88
C PRO A 13 20.29 15.45 -3.28
N GLU A 14 19.73 16.34 -4.09
CA GLU A 14 19.27 15.99 -5.43
C GLU A 14 20.43 15.51 -6.30
N GLN A 15 21.65 15.89 -5.91
CA GLN A 15 22.81 15.65 -6.73
C GLN A 15 23.75 14.63 -6.12
N TRP A 16 23.46 14.20 -4.90
CA TRP A 16 24.36 13.27 -4.19
C TRP A 16 24.68 11.99 -4.87
N SER A 17 23.80 11.52 -5.78
CA SER A 17 23.95 10.18 -6.36
C SER A 17 25.16 10.23 -7.33
N LYS A 18 25.54 11.43 -7.75
CA LYS A 18 26.66 11.53 -8.72
C LYS A 18 27.97 11.06 -8.07
N LEU A 19 28.18 11.44 -6.82
CA LEU A 19 29.36 10.96 -6.08
C LEU A 19 29.09 9.70 -5.23
N TYR A 20 27.81 9.51 -4.84
CA TYR A 20 27.45 8.46 -3.93
C TYR A 20 26.28 7.70 -4.52
N PRO A 21 26.53 6.70 -5.40
CA PRO A 21 25.42 6.04 -6.14
C PRO A 21 24.38 5.38 -5.27
N ILE A 22 24.74 5.03 -4.02
CA ILE A 22 23.86 4.32 -3.11
C ILE A 22 22.71 5.33 -2.77
N ALA A 23 22.89 6.62 -3.08
CA ALA A 23 21.77 7.57 -2.82
C ALA A 23 20.47 7.14 -3.48
N ASN A 24 20.57 6.29 -4.50
CA ASN A 24 19.40 5.80 -5.16
C ASN A 24 19.12 4.36 -4.83
N GLY A 25 19.59 3.92 -3.63
CA GLY A 25 19.50 2.56 -3.19
C GLY A 25 18.12 2.15 -2.78
N ASN A 26 17.98 0.89 -2.36
CA ASN A 26 16.74 0.30 -1.88
C ASN A 26 16.45 0.44 -0.40
N ASN A 27 17.38 1.04 0.35
CA ASN A 27 17.22 1.12 1.79
C ASN A 27 17.61 2.53 2.27
N GLN A 28 17.21 3.53 1.49
CA GLN A 28 17.59 4.91 1.78
C GLN A 28 16.68 5.57 2.84
N SER A 29 17.23 6.53 3.56
CA SER A 29 16.47 7.27 4.63
C SER A 29 16.71 8.77 4.43
N PRO A 30 15.79 9.65 4.89
CA PRO A 30 14.62 9.28 5.62
C PRO A 30 13.47 8.82 4.71
N VAL A 31 12.33 8.51 5.32
CA VAL A 31 11.12 8.11 4.57
C VAL A 31 9.89 8.80 5.17
N ASP A 32 8.79 8.73 4.41
CA ASP A 32 7.48 9.16 4.92
C ASP A 32 6.83 7.95 5.50
N ILE A 33 6.42 8.02 6.77
CA ILE A 33 5.80 6.85 7.45
C ILE A 33 4.30 7.07 7.21
N LYS A 34 3.71 6.16 6.43
CA LYS A 34 2.26 6.16 6.14
C LYS A 34 1.60 5.25 7.11
N THR A 35 0.87 5.83 8.06
CA THR A 35 0.42 5.04 9.21
C THR A 35 -0.63 3.96 8.87
N SER A 36 -1.24 4.08 7.69
CA SER A 36 -2.20 3.07 7.30
C SER A 36 -1.47 1.90 6.65
N GLU A 37 -0.17 2.08 6.37
N GLU A 37 -0.14 2.01 6.41
CA GLU A 37 0.65 1.00 5.80
CA GLU A 37 0.69 0.90 5.83
C GLU A 37 1.68 0.41 6.76
C GLU A 37 1.59 0.23 6.86
N THR A 38 1.62 0.78 8.04
CA THR A 38 2.47 0.20 9.05
C THR A 38 1.95 -1.14 9.43
N LYS A 39 2.85 -1.99 9.83
CA LYS A 39 2.46 -3.28 10.41
C LYS A 39 2.83 -3.36 11.89
N HIS A 40 1.80 -3.49 12.71
CA HIS A 40 1.96 -3.76 14.13
C HIS A 40 2.69 -5.06 14.25
N ASP A 41 3.74 -5.06 15.07
CA ASP A 41 4.55 -6.25 15.29
C ASP A 41 4.62 -6.55 16.76
N THR A 42 4.09 -7.71 17.16
CA THR A 42 4.03 -8.00 18.62
C THR A 42 5.30 -8.59 19.24
N SER A 43 6.26 -9.01 18.43
CA SER A 43 7.58 -9.43 18.92
C SER A 43 8.52 -8.24 19.31
N LEU A 44 8.11 -7.01 18.99
CA LEU A 44 8.94 -5.87 19.31
C LEU A 44 8.88 -5.53 20.76
N LYS A 45 10.05 -5.57 21.38
CA LYS A 45 10.13 -5.26 22.79
C LYS A 45 10.23 -3.74 23.01
N PRO A 46 10.05 -3.32 24.24
CA PRO A 46 10.16 -1.88 24.47
C PRO A 46 11.60 -1.45 24.27
N ILE A 47 11.78 -0.18 23.91
CA ILE A 47 13.12 0.37 23.80
C ILE A 47 13.68 0.62 25.18
N SER A 48 14.95 0.25 25.38
CA SER A 48 15.61 0.44 26.64
C SER A 48 16.84 1.37 26.36
N VAL A 49 16.81 2.60 26.88
CA VAL A 49 18.06 3.40 26.95
C VAL A 49 18.61 3.58 28.36
N SER A 50 19.93 3.45 28.47
CA SER A 50 20.61 3.65 29.76
C SER A 50 21.93 4.33 29.43
N TYR A 51 21.96 5.62 29.56
CA TYR A 51 23.15 6.40 29.22
C TYR A 51 23.75 6.98 30.47
N ASN A 52 25.08 6.96 30.54
CA ASN A 52 25.79 7.52 31.66
C ASN A 52 26.29 8.93 31.27
N PRO A 53 25.89 10.00 32.00
CA PRO A 53 26.27 11.36 31.57
C PRO A 53 27.79 11.57 31.52
N ALA A 54 28.57 10.75 32.24
CA ALA A 54 30.04 10.91 32.17
C ALA A 54 30.62 10.47 30.83
N THR A 55 29.84 9.85 29.94
CA THR A 55 30.31 9.58 28.58
C THR A 55 30.22 10.77 27.61
N ALA A 56 29.47 11.84 27.96
CA ALA A 56 29.53 13.03 27.08
C ALA A 56 30.99 13.52 26.95
N LYS A 57 31.34 13.94 25.74
N LYS A 57 31.43 13.89 25.75
CA LYS A 57 32.74 14.23 25.40
CA LYS A 57 32.82 14.50 25.64
C LYS A 57 32.94 15.65 24.88
C LYS A 57 32.96 15.81 24.90
N GLU A 58 32.32 15.95 23.73
CA GLU A 58 32.70 17.10 22.94
C GLU A 58 31.58 17.49 22.00
N ILE A 59 31.50 18.78 21.73
CA ILE A 59 30.61 19.32 20.74
C ILE A 59 31.45 19.88 19.62
N ILE A 60 31.05 19.65 18.39
CA ILE A 60 31.82 20.04 17.21
C ILE A 60 30.98 20.67 16.11
N ASN A 61 31.40 21.78 15.55
CA ASN A 61 30.82 22.23 14.32
C ASN A 61 31.41 21.58 13.10
N VAL A 62 30.62 20.76 12.43
CA VAL A 62 31.07 20.05 11.20
C VAL A 62 30.75 20.68 9.86
N GLY A 63 30.42 21.99 9.87
CA GLY A 63 30.21 22.75 8.66
C GLY A 63 28.76 22.68 8.19
N HIS A 64 28.22 21.46 8.10
CA HIS A 64 26.79 21.28 7.71
C HIS A 64 25.85 21.06 8.87
N SER A 65 26.40 20.85 10.04
CA SER A 65 25.68 20.56 11.28
C SER A 65 26.60 20.68 12.44
N PHE A 66 26.13 20.37 13.60
CA PHE A 66 26.97 20.21 14.75
C PHE A 66 26.69 18.86 15.42
N HIS A 67 27.74 18.29 16.00
CA HIS A 67 27.63 16.94 16.68
C HIS A 67 28.01 16.96 18.11
N VAL A 68 27.32 16.20 18.95
CA VAL A 68 27.72 15.99 20.34
C VAL A 68 28.16 14.56 20.46
N ASN A 69 29.47 14.34 20.66
CA ASN A 69 30.03 13.00 20.62
C ASN A 69 30.28 12.53 22.01
N PHE A 70 30.24 11.17 22.13
CA PHE A 70 30.38 10.50 23.39
C PHE A 70 31.56 9.45 23.40
N GLU A 71 32.09 9.24 24.61
CA GLU A 71 33.10 8.19 24.76
C GLU A 71 32.38 6.87 24.46
N ASP A 72 32.99 6.07 23.58
CA ASP A 72 32.39 4.76 23.23
C ASP A 72 33.36 3.61 23.40
N ASN A 73 34.18 3.71 24.45
CA ASN A 73 35.15 2.63 24.75
C ASN A 73 34.54 1.47 25.52
N ASP A 74 33.35 1.64 26.05
CA ASP A 74 32.74 0.58 26.83
C ASP A 74 31.25 0.72 26.82
N ASN A 75 30.55 -0.08 27.61
CA ASN A 75 29.09 -0.13 27.58
C ASN A 75 28.40 0.70 28.61
N ARG A 76 28.99 1.84 28.94
CA ARG A 76 28.37 2.71 29.95
C ARG A 76 27.07 3.29 29.44
N SER A 77 27.02 3.52 28.14
CA SER A 77 25.80 4.11 27.54
C SER A 77 25.34 3.23 26.40
N VAL A 78 24.17 2.62 26.58
CA VAL A 78 23.66 1.62 25.66
C VAL A 78 22.13 1.70 25.36
N LEU A 79 21.78 1.31 24.15
CA LEU A 79 20.37 1.15 23.70
C LEU A 79 20.14 -0.36 23.51
N LYS A 80 19.02 -0.89 23.99
CA LYS A 80 18.71 -2.32 23.86
C LYS A 80 17.21 -2.41 23.59
N GLY A 81 16.73 -3.62 23.35
CA GLY A 81 15.27 -3.81 23.21
C GLY A 81 14.78 -3.50 21.82
N GLY A 82 13.50 -3.10 21.71
CA GLY A 82 12.88 -2.86 20.39
C GLY A 82 13.05 -4.04 19.49
N PRO A 83 13.61 -3.84 18.30
CA PRO A 83 13.82 -4.91 17.31
C PRO A 83 15.13 -5.67 17.47
N PHE A 84 15.95 -5.24 18.43
CA PHE A 84 17.37 -5.69 18.56
C PHE A 84 17.53 -6.82 19.55
N SER A 85 18.45 -7.73 19.23
CA SER A 85 18.85 -8.67 20.25
C SER A 85 20.22 -8.27 20.79
N ASP A 86 20.91 -7.41 20.03
CA ASP A 86 22.24 -6.96 20.30
C ASP A 86 22.16 -5.67 21.12
N SER A 87 23.16 -5.41 21.95
CA SER A 87 23.27 -4.12 22.63
C SER A 87 23.96 -3.10 21.70
N TYR A 88 23.48 -1.83 21.69
CA TYR A 88 24.11 -0.81 20.80
C TYR A 88 24.65 0.31 21.65
N ARG A 89 25.89 0.73 21.31
CA ARG A 89 26.60 1.69 22.21
C ARG A 89 26.41 3.13 21.66
N LEU A 90 25.97 4.03 22.52
CA LEU A 90 25.78 5.46 22.12
C LEU A 90 27.07 6.10 21.60
N PHE A 91 27.07 6.83 20.47
CA PHE A 91 28.29 7.58 20.14
C PHE A 91 28.05 9.00 19.85
N GLN A 92 26.85 9.43 19.50
CA GLN A 92 26.67 10.80 19.08
C GLN A 92 25.17 11.15 19.13
N PHE A 93 24.85 12.42 19.37
CA PHE A 93 23.51 12.94 18.92
C PHE A 93 23.68 14.20 18.19
N HIS A 94 22.73 14.49 17.31
CA HIS A 94 22.72 15.77 16.55
C HIS A 94 21.35 16.09 16.04
N PHE A 95 21.14 17.19 15.32
CA PHE A 95 19.84 17.54 14.81
C PHE A 95 19.91 17.77 13.37
N HIS A 96 18.73 17.80 12.75
CA HIS A 96 18.51 18.38 11.47
C HIS A 96 17.43 19.44 11.60
N TRP A 97 17.56 20.41 10.73
CA TRP A 97 16.59 21.54 10.69
C TRP A 97 16.40 22.00 9.31
N GLY A 98 15.38 22.86 9.13
CA GLY A 98 15.09 23.37 7.81
C GLY A 98 15.19 24.94 7.80
N SER A 99 14.99 25.56 6.62
CA SER A 99 15.28 26.99 6.50
C SER A 99 14.17 27.82 7.18
N THR A 100 13.01 27.22 7.37
CA THR A 100 11.95 27.89 8.18
C THR A 100 11.22 26.82 8.98
N ASN A 101 10.30 27.26 9.84
CA ASN A 101 9.60 26.30 10.76
C ASN A 101 8.78 25.24 10.03
N GLU A 102 8.37 25.53 8.79
N GLU A 102 8.43 25.51 8.78
CA GLU A 102 7.47 24.71 8.01
CA GLU A 102 7.46 24.72 8.07
C GLU A 102 8.01 23.28 7.76
C GLU A 102 8.01 23.39 7.48
N HIS A 103 9.33 23.21 7.60
CA HIS A 103 9.93 21.93 7.24
C HIS A 103 11.20 21.93 8.11
N GLY A 104 11.83 20.82 8.19
CA GLY A 104 13.12 20.78 8.90
C GLY A 104 13.38 19.36 9.40
N SER A 105 12.31 18.58 9.69
CA SER A 105 12.50 17.15 10.03
C SER A 105 13.05 16.45 8.74
N GLU A 106 13.59 15.26 8.96
CA GLU A 106 13.87 14.37 7.84
C GLU A 106 12.71 13.34 7.59
N HIS A 107 12.45 12.53 8.61
CA HIS A 107 11.21 11.71 8.51
C HIS A 107 9.98 12.61 8.53
N THR A 108 8.96 12.10 7.85
CA THR A 108 7.60 12.78 7.86
C THR A 108 6.66 11.68 8.26
N VAL A 109 5.49 12.09 8.79
CA VAL A 109 4.49 11.08 9.16
C VAL A 109 3.19 11.45 8.46
N ASP A 110 2.74 10.57 7.59
CA ASP A 110 1.53 10.82 6.75
C ASP A 110 1.67 12.18 6.04
N GLY A 111 2.85 12.47 5.51
CA GLY A 111 3.13 13.70 4.80
C GLY A 111 3.43 14.94 5.64
N VAL A 112 3.30 14.81 6.94
CA VAL A 112 3.44 16.01 7.83
C VAL A 112 4.92 16.25 8.13
N LYS A 113 5.39 17.46 7.81
N LYS A 113 5.37 17.46 7.84
CA LYS A 113 6.79 17.93 8.03
CA LYS A 113 6.78 17.89 8.04
C LYS A 113 6.86 18.59 9.39
C LYS A 113 6.87 18.59 9.38
N TYR A 114 7.79 18.16 10.25
CA TYR A 114 8.09 18.84 11.51
C TYR A 114 9.24 19.85 11.33
N SER A 115 9.58 20.57 12.41
N SER A 115 9.58 20.55 12.39
CA SER A 115 10.46 21.77 12.32
CA SER A 115 10.51 21.66 12.23
C SER A 115 11.93 21.38 12.57
C SER A 115 11.92 21.28 12.39
N ALA A 116 12.12 20.16 13.04
CA ALA A 116 13.48 19.64 13.18
C ALA A 116 13.41 18.22 13.61
N GLU A 117 14.55 17.56 13.78
CA GLU A 117 14.58 16.13 14.13
C GLU A 117 15.86 15.91 14.89
N LEU A 118 15.78 15.19 15.98
CA LEU A 118 16.90 14.81 16.80
C LEU A 118 17.29 13.38 16.39
N HIS A 119 18.58 13.05 16.24
CA HIS A 119 19.15 11.71 15.92
C HIS A 119 20.05 11.39 17.04
N VAL A 120 19.79 10.24 17.63
CA VAL A 120 20.66 9.74 18.75
C VAL A 120 21.21 8.38 18.15
N ALA A 121 22.53 8.33 17.91
CA ALA A 121 23.17 7.31 17.06
C ALA A 121 24.02 6.39 17.92
N HIS A 122 23.95 5.09 17.51
CA HIS A 122 24.57 3.99 18.32
C HIS A 122 25.13 2.97 17.34
N TRP A 123 26.14 2.23 17.80
CA TRP A 123 26.77 1.17 17.02
C TRP A 123 26.77 -0.16 17.76
N ASN A 124 26.72 -1.21 16.95
CA ASN A 124 26.54 -2.57 17.46
C ASN A 124 27.85 -3.15 17.98
N SER A 125 27.97 -3.10 19.29
CA SER A 125 29.21 -3.48 19.99
C SER A 125 29.20 -4.98 20.40
N ALA A 126 28.06 -5.64 20.18
CA ALA A 126 27.99 -7.09 20.33
C ALA A 126 28.71 -7.76 19.20
N LYS A 127 28.57 -7.19 18.01
N LYS A 127 28.52 -7.25 17.98
CA LYS A 127 29.11 -7.79 16.80
CA LYS A 127 29.09 -7.83 16.79
C LYS A 127 30.36 -7.20 16.27
C LYS A 127 30.40 -7.22 16.33
N TYR A 128 30.54 -5.89 16.48
CA TYR A 128 31.69 -5.13 15.93
C TYR A 128 32.56 -4.52 17.01
N SER A 129 33.78 -4.14 16.59
CA SER A 129 34.73 -3.65 17.55
C SER A 129 34.86 -2.14 17.61
N SER A 130 34.32 -1.48 16.58
CA SER A 130 34.41 -0.01 16.53
C SER A 130 33.29 0.57 15.68
N LEU A 131 32.98 1.85 15.89
CA LEU A 131 32.17 2.53 14.87
C LEU A 131 32.62 2.37 13.47
N ALA A 132 33.94 2.51 13.22
CA ALA A 132 34.40 2.44 11.86
C ALA A 132 34.09 1.11 11.18
N GLU A 133 34.19 0.04 11.95
CA GLU A 133 33.79 -1.29 11.48
C GLU A 133 32.28 -1.43 11.28
N ALA A 134 31.52 -1.02 12.30
CA ALA A 134 30.06 -1.08 12.24
C ALA A 134 29.40 -0.23 11.13
N ALA A 135 29.99 0.90 10.72
CA ALA A 135 29.25 1.93 10.02
C ALA A 135 28.77 1.48 8.68
N SER A 136 29.39 0.43 8.12
CA SER A 136 28.96 0.00 6.79
C SER A 136 28.17 -1.31 6.81
N LYS A 137 27.96 -1.89 8.00
CA LYS A 137 27.28 -3.19 8.13
C LYS A 137 25.76 -3.03 8.19
N ALA A 138 25.01 -3.88 7.52
CA ALA A 138 23.54 -3.79 7.57
C ALA A 138 22.99 -3.74 8.98
N ASP A 139 23.62 -4.38 9.93
CA ASP A 139 23.22 -4.38 11.30
C ASP A 139 24.08 -3.57 12.25
N GLY A 140 24.82 -2.62 11.66
CA GLY A 140 25.92 -1.87 12.31
C GLY A 140 25.47 -0.74 13.27
N LEU A 141 24.42 -0.04 12.83
CA LEU A 141 23.99 1.21 13.52
C LEU A 141 22.50 1.19 13.89
N ALA A 142 22.18 1.86 14.99
CA ALA A 142 20.78 1.99 15.45
C ALA A 142 20.68 3.53 15.71
N VAL A 143 19.69 4.20 15.09
CA VAL A 143 19.55 5.66 15.33
C VAL A 143 18.08 5.90 15.81
N ILE A 144 17.90 6.56 16.93
CA ILE A 144 16.58 6.98 17.44
C ILE A 144 16.36 8.33 16.79
N GLY A 145 15.24 8.47 16.09
CA GLY A 145 14.87 9.82 15.62
C GLY A 145 13.62 10.35 16.30
N VAL A 146 13.70 11.61 16.70
CA VAL A 146 12.58 12.26 17.45
C VAL A 146 12.20 13.49 16.70
N LEU A 147 10.93 13.53 16.26
CA LEU A 147 10.44 14.65 15.51
C LEU A 147 10.18 15.80 16.46
N MET A 148 10.65 17.01 16.01
CA MET A 148 10.59 18.22 16.84
C MET A 148 9.57 19.23 16.29
N LYS A 149 8.53 19.49 17.09
CA LYS A 149 7.35 20.24 16.67
C LYS A 149 7.41 21.67 17.29
N VAL A 150 7.42 22.65 16.39
CA VAL A 150 7.62 24.04 16.82
C VAL A 150 6.45 24.40 17.76
N GLY A 151 6.82 25.03 18.83
CA GLY A 151 5.82 25.33 19.93
C GLY A 151 6.57 25.94 21.08
N GLU A 152 6.32 25.47 22.27
CA GLU A 152 6.88 26.01 23.50
C GLU A 152 8.39 25.74 23.48
N ALA A 153 9.16 26.66 24.04
CA ALA A 153 10.61 26.37 24.25
C ALA A 153 10.81 25.13 25.09
N ASN A 154 11.78 24.31 24.67
CA ASN A 154 12.11 23.13 25.38
C ASN A 154 13.32 23.28 26.30
N PRO A 155 13.14 23.27 27.61
CA PRO A 155 14.24 23.55 28.53
C PRO A 155 15.32 22.49 28.48
N LYS A 156 14.97 21.30 28.03
CA LYS A 156 15.94 20.24 28.07
C LYS A 156 17.01 20.49 27.04
N LEU A 157 16.76 21.36 26.08
CA LEU A 157 17.79 21.75 25.06
C LEU A 157 18.81 22.73 25.58
N GLN A 158 18.67 23.22 26.71
CA GLN A 158 19.49 24.34 27.17
C GLN A 158 20.96 24.20 27.14
N LYS A 159 21.45 23.10 27.72
CA LYS A 159 22.93 22.95 27.76
C LYS A 159 23.44 22.90 26.36
N VAL A 160 22.74 22.22 25.42
CA VAL A 160 23.15 22.19 24.03
C VAL A 160 23.19 23.59 23.42
N LEU A 161 22.12 24.35 23.64
CA LEU A 161 22.03 25.63 22.97
C LEU A 161 23.07 26.58 23.55
N ASP A 162 23.32 26.50 24.85
CA ASP A 162 24.22 27.43 25.47
C ASP A 162 25.64 27.16 24.94
N ALA A 163 25.87 25.95 24.45
CA ALA A 163 27.25 25.59 24.05
C ALA A 163 27.54 26.11 22.66
N LEU A 164 26.57 26.42 21.80
CA LEU A 164 26.74 26.82 20.43
C LEU A 164 27.68 28.04 20.28
N GLN A 165 27.61 29.00 21.22
CA GLN A 165 28.45 30.20 21.07
C GLN A 165 29.94 29.83 21.06
N ALA A 166 30.34 28.67 21.59
CA ALA A 166 31.78 28.26 21.58
C ALA A 166 32.19 27.53 20.36
N ILE A 167 31.27 27.17 19.46
CA ILE A 167 31.47 26.45 18.18
C ILE A 167 30.81 27.05 17.01
N LYS A 168 30.77 28.37 17.03
CA LYS A 168 30.15 29.14 15.95
C LYS A 168 30.54 28.75 14.50
N THR A 169 31.82 28.50 14.24
CA THR A 169 32.34 28.31 12.86
C THR A 169 32.94 26.93 12.65
N LYS A 170 33.01 26.55 11.36
CA LYS A 170 33.43 25.23 10.89
C LYS A 170 34.67 24.76 11.58
N GLY A 171 34.61 23.57 12.13
CA GLY A 171 35.81 22.99 12.82
C GLY A 171 36.09 23.31 14.25
N LYS A 172 35.42 24.34 14.87
CA LYS A 172 35.60 24.57 16.26
C LYS A 172 34.97 23.40 17.06
N ARG A 173 35.51 23.15 18.19
CA ARG A 173 35.09 22.05 19.00
C ARG A 173 35.34 22.45 20.43
N ALA A 174 34.56 21.96 21.39
CA ALA A 174 34.74 22.21 22.75
C ALA A 174 34.31 21.06 23.60
N PRO A 175 34.81 20.96 24.82
CA PRO A 175 34.33 19.96 25.74
C PRO A 175 32.84 20.11 26.04
N PHE A 176 32.17 18.97 26.07
CA PHE A 176 30.73 19.02 26.42
C PHE A 176 30.50 17.79 27.29
N THR A 177 30.35 17.99 28.59
CA THR A 177 30.44 16.91 29.55
C THR A 177 29.23 16.76 30.44
N ASN A 178 29.10 15.59 31.06
CA ASN A 178 28.11 15.40 32.13
C ASN A 178 26.70 15.67 31.58
N PHE A 179 26.34 14.90 30.57
CA PHE A 179 25.06 15.15 29.86
C PHE A 179 24.50 13.78 29.42
N ASP A 180 23.22 13.52 29.77
CA ASP A 180 22.55 12.24 29.43
C ASP A 180 21.45 12.57 28.40
N PRO A 181 21.63 12.23 27.13
CA PRO A 181 20.72 12.62 26.06
C PRO A 181 19.37 11.85 26.17
N SER A 182 19.25 10.93 27.11
CA SER A 182 17.88 10.38 27.31
C SER A 182 16.93 11.44 27.80
N THR A 183 17.45 12.52 28.33
CA THR A 183 16.59 13.63 28.81
C THR A 183 15.90 14.36 27.66
N LEU A 184 16.36 14.21 26.45
CA LEU A 184 15.76 14.83 25.27
C LEU A 184 14.61 13.99 24.68
N LEU A 185 14.54 12.68 25.04
CA LEU A 185 13.53 11.80 24.40
C LEU A 185 12.14 12.15 24.92
N PRO A 186 11.14 11.74 24.15
CA PRO A 186 9.72 12.03 24.65
C PRO A 186 9.39 11.03 25.76
N SER A 187 8.33 11.34 26.49
CA SER A 187 8.00 10.49 27.65
C SER A 187 7.45 9.12 27.20
N SER A 188 6.79 9.02 26.04
CA SER A 188 6.40 7.69 25.54
C SER A 188 7.53 7.31 24.59
N LEU A 189 7.97 6.06 24.66
CA LEU A 189 8.90 5.54 23.67
C LEU A 189 8.24 4.54 22.72
N ASP A 190 6.93 4.62 22.51
CA ASP A 190 6.32 3.98 21.37
C ASP A 190 7.04 4.44 20.06
N PHE A 191 7.26 3.49 19.15
CA PHE A 191 8.10 3.73 17.95
C PHE A 191 7.69 3.02 16.68
N TRP A 192 8.20 3.50 15.56
CA TRP A 192 8.18 2.84 14.33
C TRP A 192 9.65 2.41 14.07
N THR A 193 9.82 1.37 13.27
CA THR A 193 11.18 0.88 12.97
C THR A 193 11.17 0.35 11.56
N TYR A 194 12.26 0.59 10.81
CA TYR A 194 12.38 0.17 9.45
C TYR A 194 13.92 0.15 9.14
N PRO A 195 14.32 -0.68 8.23
CA PRO A 195 15.77 -0.71 7.89
C PRO A 195 16.09 0.34 6.84
N GLY A 196 17.11 1.21 7.10
CA GLY A 196 17.45 2.28 6.17
C GLY A 196 18.88 2.65 6.24
N SER A 197 19.14 3.95 6.17
CA SER A 197 20.50 4.40 5.85
C SER A 197 20.89 5.55 6.74
N LEU A 198 22.18 5.91 6.62
CA LEU A 198 22.57 7.30 6.98
C LEU A 198 21.82 8.31 6.06
N THR A 199 21.53 9.52 6.57
CA THR A 199 20.74 10.42 5.79
C THR A 199 21.56 11.46 5.08
N HIS A 200 22.91 11.30 5.11
CA HIS A 200 23.82 12.11 4.33
C HIS A 200 25.04 11.25 4.03
N PRO A 201 25.84 11.74 3.10
CA PRO A 201 27.02 10.90 2.67
C PRO A 201 27.84 10.56 3.90
N PRO A 202 28.30 9.29 3.96
CA PRO A 202 28.31 8.30 2.86
C PRO A 202 27.09 7.42 2.66
N LEU A 203 25.98 7.75 3.34
CA LEU A 203 24.69 7.15 2.92
C LEU A 203 24.57 5.62 3.08
N TYR A 204 25.43 5.06 3.94
CA TYR A 204 25.53 3.59 4.05
C TYR A 204 24.17 3.09 4.46
N GLU A 205 23.73 1.95 3.89
CA GLU A 205 22.49 1.30 4.36
C GLU A 205 22.71 0.37 5.54
N SER A 206 23.08 0.94 6.69
CA SER A 206 23.54 0.29 7.86
C SER A 206 22.70 0.62 9.09
N VAL A 207 21.56 1.31 8.91
CA VAL A 207 20.86 1.83 10.08
C VAL A 207 19.49 1.16 10.30
N THR A 208 19.31 0.63 11.48
CA THR A 208 17.94 0.31 11.97
C THR A 208 17.42 1.61 12.68
N TRP A 209 16.35 2.19 12.11
CA TRP A 209 15.77 3.47 12.55
C TRP A 209 14.76 3.16 13.61
N ILE A 210 14.77 3.88 14.68
CA ILE A 210 13.76 3.82 15.70
C ILE A 210 13.14 5.22 15.70
N ILE A 211 11.92 5.38 15.16
CA ILE A 211 11.32 6.71 15.06
C ILE A 211 10.24 6.85 16.12
N CYS A 212 10.40 7.77 17.04
CA CYS A 212 9.42 7.91 18.14
C CYS A 212 8.06 8.44 17.63
N LYS A 213 6.99 7.86 18.22
CA LYS A 213 5.65 8.30 17.80
C LYS A 213 5.29 9.73 18.33
N GLU A 214 5.78 10.01 19.55
CA GLU A 214 5.53 11.30 20.19
C GLU A 214 6.63 12.28 19.79
N SER A 215 6.27 13.50 19.55
CA SER A 215 7.23 14.58 19.23
C SER A 215 7.71 15.15 20.53
N ILE A 216 8.78 15.96 20.40
CA ILE A 216 9.19 16.84 21.52
C ILE A 216 9.04 18.27 20.98
N SER A 217 8.97 19.24 21.87
N SER A 217 9.04 19.21 21.91
CA SER A 217 8.85 20.62 21.38
CA SER A 217 8.86 20.61 21.53
C SER A 217 10.18 21.28 21.10
C SER A 217 10.16 21.40 21.33
N VAL A 218 10.07 22.42 20.46
CA VAL A 218 11.17 23.35 20.30
C VAL A 218 10.55 24.69 19.97
N SER A 219 11.18 25.82 20.41
CA SER A 219 10.60 27.08 19.96
C SER A 219 11.17 27.61 18.71
N SER A 220 10.51 28.59 18.10
N SER A 220 10.53 28.62 18.11
CA SER A 220 11.00 29.17 16.85
CA SER A 220 11.04 29.25 16.89
C SER A 220 12.36 29.86 17.10
C SER A 220 12.42 29.84 17.14
N GLU A 221 12.63 30.33 18.34
CA GLU A 221 13.91 31.05 18.72
C GLU A 221 14.98 30.00 18.98
N GLN A 222 14.63 28.83 19.54
CA GLN A 222 15.69 27.82 19.71
C GLN A 222 16.07 27.33 18.29
N LEU A 223 15.19 27.11 17.34
CA LEU A 223 15.47 26.77 15.91
C LEU A 223 16.37 27.83 15.28
N ALA A 224 16.09 29.08 15.57
CA ALA A 224 16.97 30.13 15.03
C ALA A 224 18.39 29.97 15.57
N GLN A 225 18.59 29.47 16.77
CA GLN A 225 19.96 29.31 17.26
C GLN A 225 20.68 28.31 16.44
N PHE A 226 20.04 27.22 16.07
CA PHE A 226 20.71 26.28 15.12
C PHE A 226 21.07 26.98 13.79
N ARG A 227 20.20 27.78 13.17
CA ARG A 227 20.37 28.36 11.86
C ARG A 227 21.42 29.49 11.99
N SER A 228 21.71 29.92 13.19
CA SER A 228 22.72 31.01 13.30
C SER A 228 24.14 30.38 13.43
N LEU A 229 24.30 29.05 13.63
CA LEU A 229 25.65 28.47 13.41
C LEU A 229 26.13 28.74 12.02
N LEU A 230 27.49 28.82 11.89
CA LEU A 230 28.05 29.20 10.64
C LEU A 230 28.85 28.04 10.01
N SER A 231 28.62 27.95 8.72
CA SER A 231 29.24 26.85 7.95
C SER A 231 30.63 27.14 7.45
N ASN A 232 30.94 28.43 7.43
CA ASN A 232 32.33 28.89 7.10
C ASN A 232 33.29 28.72 8.22
N VAL A 233 34.63 28.78 7.88
CA VAL A 233 35.63 28.85 8.92
C VAL A 233 35.79 30.30 9.44
N GLU A 234 36.34 30.36 10.65
CA GLU A 234 36.65 31.69 11.28
C GLU A 234 37.35 32.69 10.33
N GLY A 235 36.83 33.90 10.21
CA GLY A 235 37.49 35.03 9.46
C GLY A 235 37.02 35.04 8.02
N ASP A 236 36.31 34.00 7.52
CA ASP A 236 35.61 34.09 6.19
C ASP A 236 34.22 34.78 6.31
N ASN A 237 33.61 35.08 5.15
CA ASN A 237 32.28 35.65 5.02
C ASN A 237 31.35 34.71 5.78
N ALA A 238 30.49 35.26 6.63
CA ALA A 238 29.63 34.42 7.49
C ALA A 238 28.55 33.74 6.59
N VAL A 239 28.39 32.43 6.73
CA VAL A 239 27.42 31.71 5.89
C VAL A 239 26.64 30.87 6.93
N PRO A 240 25.44 31.36 7.30
CA PRO A 240 24.62 30.56 8.21
C PRO A 240 24.24 29.16 7.66
N MET A 241 24.16 28.27 8.63
CA MET A 241 23.70 26.89 8.40
C MET A 241 22.19 26.82 8.29
N GLN A 242 21.68 27.17 7.13
CA GLN A 242 20.18 27.42 7.09
C GLN A 242 19.40 26.12 7.20
N HIS A 243 19.92 25.00 6.65
CA HIS A 243 19.18 23.75 6.62
C HIS A 243 20.12 22.60 6.39
N ASN A 244 19.66 21.41 6.79
CA ASN A 244 20.46 20.21 6.60
C ASN A 244 19.60 18.96 6.60
N ASN A 245 18.33 19.12 6.18
CA ASN A 245 17.51 17.98 6.06
C ASN A 245 17.39 17.40 4.69
N ARG A 246 17.48 16.08 4.61
CA ARG A 246 17.31 15.47 3.33
C ARG A 246 15.82 15.18 3.01
N PRO A 247 15.40 15.30 1.71
CA PRO A 247 14.01 14.85 1.41
C PRO A 247 13.77 13.37 1.70
N THR A 248 12.51 12.99 1.88
CA THR A 248 12.16 11.61 2.08
C THR A 248 12.39 10.80 0.76
N GLN A 249 12.71 9.53 0.96
CA GLN A 249 13.09 8.65 -0.13
C GLN A 249 12.13 7.50 -0.29
N PRO A 250 12.13 6.86 -1.47
CA PRO A 250 11.21 5.78 -1.73
C PRO A 250 11.35 4.54 -0.83
N LEU A 251 10.27 4.00 -0.28
CA LEU A 251 10.35 2.79 0.53
C LEU A 251 10.83 1.50 -0.14
N LYS A 252 10.52 1.39 -1.44
CA LYS A 252 11.04 0.26 -2.26
C LYS A 252 10.72 -1.04 -1.62
N GLY A 253 9.46 -1.21 -1.27
CA GLY A 253 9.06 -2.46 -0.68
C GLY A 253 9.35 -2.73 0.79
N ARG A 254 10.05 -1.82 1.47
CA ARG A 254 10.28 -2.04 2.87
C ARG A 254 8.98 -1.87 3.67
N THR A 255 8.96 -2.50 4.82
CA THR A 255 7.81 -2.40 5.71
C THR A 255 8.19 -1.61 6.94
N VAL A 256 7.42 -0.57 7.22
CA VAL A 256 7.64 0.08 8.51
C VAL A 256 6.81 -0.58 9.60
N ARG A 257 7.43 -1.02 10.70
CA ARG A 257 6.76 -1.74 11.78
C ARG A 257 6.40 -0.79 12.89
N ALA A 258 5.28 -0.99 13.60
CA ALA A 258 4.87 -0.18 14.73
C ALA A 258 4.95 -0.99 15.94
N SER A 259 5.45 -0.44 17.01
CA SER A 259 5.46 -1.11 18.32
C SER A 259 4.14 -1.00 19.10
N PHE A 260 3.24 -0.20 18.51
CA PHE A 260 1.99 0.18 19.23
C PHE A 260 0.86 0.00 18.21
N ASP B 4 -6.74 -4.88 -27.97
CA ASP B 4 -7.29 -5.23 -29.32
C ASP B 4 -8.62 -5.98 -29.26
N TRP B 5 -9.22 -5.99 -28.07
CA TRP B 5 -10.67 -6.19 -27.91
C TRP B 5 -11.18 -5.26 -26.85
N GLY B 6 -12.44 -4.88 -26.99
CA GLY B 6 -13.09 -4.05 -26.02
C GLY B 6 -14.58 -4.16 -26.31
N TYR B 7 -15.28 -3.06 -26.09
CA TYR B 7 -16.70 -3.00 -26.25
C TYR B 7 -17.16 -1.91 -27.18
N ASP B 8 -16.20 -1.20 -27.80
CA ASP B 8 -16.57 -0.16 -28.80
C ASP B 8 -17.00 -0.75 -30.13
N ASP B 9 -17.45 0.13 -31.02
CA ASP B 9 -17.88 -0.29 -32.34
C ASP B 9 -16.77 -1.01 -33.10
N LYS B 10 -15.53 -0.55 -32.89
N LYS B 10 -15.54 -0.54 -32.93
CA LYS B 10 -14.35 -1.03 -33.66
CA LYS B 10 -14.43 -1.10 -33.72
C LYS B 10 -13.66 -2.28 -33.09
C LYS B 10 -13.93 -2.46 -33.20
N ASN B 11 -14.03 -2.69 -31.88
CA ASN B 11 -13.34 -3.82 -31.29
C ASN B 11 -14.27 -4.64 -30.41
N GLY B 12 -15.57 -4.35 -30.50
CA GLY B 12 -16.53 -4.95 -29.59
C GLY B 12 -17.03 -6.34 -29.98
N PRO B 13 -18.06 -6.82 -29.30
CA PRO B 13 -18.59 -8.16 -29.42
C PRO B 13 -18.91 -8.58 -30.84
N GLU B 14 -19.34 -7.64 -31.69
CA GLU B 14 -19.69 -8.06 -33.05
C GLU B 14 -18.46 -8.40 -33.89
N GLN B 15 -17.29 -8.02 -33.42
N GLN B 15 -17.30 -7.95 -33.41
CA GLN B 15 -16.11 -8.26 -34.21
CA GLN B 15 -16.02 -8.10 -34.10
C GLN B 15 -15.08 -9.13 -33.46
C GLN B 15 -15.18 -9.24 -33.54
N TRP B 16 -15.49 -9.69 -32.33
CA TRP B 16 -14.59 -10.57 -31.56
C TRP B 16 -14.25 -11.85 -32.27
N SER B 17 -15.15 -12.37 -33.10
CA SER B 17 -14.88 -13.65 -33.79
C SER B 17 -13.67 -13.56 -34.79
N LYS B 18 -13.27 -12.36 -35.22
CA LYS B 18 -12.11 -12.29 -36.17
C LYS B 18 -10.87 -12.80 -35.45
N LEU B 19 -10.67 -12.33 -34.21
CA LEU B 19 -9.52 -12.75 -33.41
C LEU B 19 -9.83 -14.05 -32.57
N TYR B 20 -11.10 -14.28 -32.19
CA TYR B 20 -11.44 -15.42 -31.29
C TYR B 20 -12.60 -16.16 -31.96
N PRO B 21 -12.31 -17.14 -32.85
CA PRO B 21 -13.41 -17.68 -33.63
C PRO B 21 -14.49 -18.40 -32.82
N ILE B 22 -14.14 -18.79 -31.57
CA ILE B 22 -15.04 -19.50 -30.67
C ILE B 22 -16.22 -18.58 -30.31
N ALA B 23 -16.07 -17.28 -30.60
CA ALA B 23 -17.21 -16.28 -30.43
C ALA B 23 -18.52 -16.76 -31.11
N ASN B 24 -18.38 -17.52 -32.21
CA ASN B 24 -19.54 -18.05 -32.92
C ASN B 24 -19.79 -19.48 -32.60
N GLY B 25 -19.34 -19.95 -31.44
CA GLY B 25 -19.48 -21.30 -30.98
C GLY B 25 -20.84 -21.72 -30.54
N ASN B 26 -20.95 -22.99 -30.14
CA ASN B 26 -22.23 -23.53 -29.74
C ASN B 26 -22.56 -23.45 -28.27
N ASN B 27 -21.63 -22.89 -27.46
CA ASN B 27 -21.80 -22.89 -25.99
C ASN B 27 -21.39 -21.52 -25.50
N GLN B 28 -21.85 -20.53 -26.21
CA GLN B 28 -21.50 -19.11 -25.91
C GLN B 28 -22.42 -18.52 -24.86
N SER B 29 -21.87 -17.58 -24.06
CA SER B 29 -22.63 -16.86 -23.05
C SER B 29 -22.47 -15.36 -23.22
N PRO B 30 -23.42 -14.57 -22.68
CA PRO B 30 -24.58 -14.92 -21.94
C PRO B 30 -25.72 -15.40 -22.85
N VAL B 31 -26.83 -15.73 -22.22
CA VAL B 31 -27.98 -16.28 -22.97
C VAL B 31 -29.20 -15.61 -22.34
N ASP B 32 -30.30 -15.64 -23.11
CA ASP B 32 -31.60 -15.40 -22.54
C ASP B 32 -32.15 -16.65 -21.92
N ILE B 33 -32.68 -16.54 -20.73
CA ILE B 33 -33.33 -17.65 -20.10
C ILE B 33 -34.82 -17.50 -20.28
N LYS B 34 -35.40 -18.32 -21.18
CA LYS B 34 -36.87 -18.35 -21.31
C LYS B 34 -37.44 -19.28 -20.29
N THR B 35 -38.16 -18.74 -19.30
CA THR B 35 -38.57 -19.54 -18.13
C THR B 35 -39.51 -20.70 -18.54
N SER B 36 -40.26 -20.51 -19.61
CA SER B 36 -41.21 -21.60 -19.95
C SER B 36 -40.50 -22.77 -20.61
N GLU B 37 -39.24 -22.56 -21.04
CA GLU B 37 -38.43 -23.66 -21.63
C GLU B 37 -37.45 -24.31 -20.64
N THR B 38 -37.47 -23.85 -19.40
CA THR B 38 -36.51 -24.42 -18.44
C THR B 38 -36.99 -25.80 -18.02
N LYS B 39 -36.09 -26.64 -17.59
CA LYS B 39 -36.46 -28.02 -17.18
C LYS B 39 -36.00 -28.23 -15.76
N HIS B 40 -36.81 -28.84 -14.89
CA HIS B 40 -36.40 -29.09 -13.52
C HIS B 40 -35.65 -30.36 -13.50
N ASP B 41 -34.49 -30.33 -12.92
CA ASP B 41 -33.63 -31.52 -12.88
C ASP B 41 -33.49 -31.86 -11.41
N THR B 42 -34.09 -32.99 -10.98
CA THR B 42 -34.11 -33.36 -9.57
C THR B 42 -32.74 -33.72 -9.02
N SER B 43 -31.74 -33.87 -9.86
CA SER B 43 -30.44 -34.20 -9.33
C SER B 43 -29.70 -32.94 -8.86
N LEU B 44 -30.22 -31.78 -9.18
CA LEU B 44 -29.51 -30.50 -8.71
C LEU B 44 -29.68 -30.24 -7.24
N LYS B 45 -28.57 -30.16 -6.53
CA LYS B 45 -28.64 -29.92 -5.11
C LYS B 45 -28.59 -28.40 -4.88
N PRO B 46 -28.93 -27.98 -3.66
CA PRO B 46 -28.73 -26.55 -3.36
C PRO B 46 -27.27 -26.17 -3.53
N ILE B 47 -27.05 -24.91 -3.92
CA ILE B 47 -25.68 -24.38 -4.00
C ILE B 47 -25.22 -23.99 -2.60
N SER B 48 -23.97 -24.37 -2.30
CA SER B 48 -23.29 -24.09 -1.05
C SER B 48 -22.10 -23.19 -1.30
N VAL B 49 -22.13 -21.99 -0.72
CA VAL B 49 -20.92 -21.12 -0.82
C VAL B 49 -20.40 -20.92 0.63
N SER B 50 -19.15 -21.25 0.74
CA SER B 50 -18.44 -21.28 2.04
C SER B 50 -17.15 -20.51 1.80
N TYR B 51 -17.21 -19.21 1.86
CA TYR B 51 -15.98 -18.46 1.51
C TYR B 51 -15.31 -18.01 2.78
N ASN B 52 -14.02 -17.78 2.69
CA ASN B 52 -13.25 -17.43 3.85
C ASN B 52 -12.78 -15.99 3.54
N PRO B 53 -13.23 -15.00 4.31
CA PRO B 53 -12.97 -13.60 4.05
C PRO B 53 -11.48 -13.24 3.99
N ALA B 54 -10.63 -14.10 4.57
CA ALA B 54 -9.15 -13.82 4.51
C ALA B 54 -8.56 -14.15 3.17
N THR B 55 -9.37 -14.73 2.27
CA THR B 55 -8.88 -15.00 0.93
C THR B 55 -8.99 -13.76 0.00
N ALA B 56 -9.69 -12.70 0.37
CA ALA B 56 -9.69 -11.52 -0.45
C ALA B 56 -8.27 -10.93 -0.56
N LYS B 57 -7.94 -10.55 -1.79
CA LYS B 57 -6.59 -10.08 -2.03
C LYS B 57 -6.44 -8.68 -2.61
N GLU B 58 -6.98 -8.46 -3.81
CA GLU B 58 -6.63 -7.28 -4.55
C GLU B 58 -7.73 -6.85 -5.45
N ILE B 59 -7.88 -5.54 -5.66
CA ILE B 59 -8.81 -4.99 -6.62
C ILE B 59 -7.94 -4.37 -7.71
N ILE B 60 -8.36 -4.46 -8.96
CA ILE B 60 -7.62 -4.01 -10.08
C ILE B 60 -8.47 -3.50 -11.19
N ASN B 61 -8.03 -2.38 -11.82
CA ASN B 61 -8.64 -1.90 -13.00
C ASN B 61 -8.04 -2.57 -14.23
N VAL B 62 -8.85 -3.35 -14.94
CA VAL B 62 -8.38 -4.03 -16.13
C VAL B 62 -8.77 -3.42 -17.43
N GLY B 63 -9.03 -2.10 -17.35
CA GLY B 63 -9.30 -1.37 -18.58
C GLY B 63 -10.74 -1.44 -19.09
N HIS B 64 -11.31 -2.63 -19.19
CA HIS B 64 -12.70 -2.72 -19.66
C HIS B 64 -13.60 -2.97 -18.45
N SER B 65 -13.06 -3.20 -17.26
CA SER B 65 -13.83 -3.52 -16.04
C SER B 65 -12.90 -3.38 -14.90
N PHE B 66 -13.26 -3.82 -13.73
CA PHE B 66 -12.42 -3.95 -12.54
C PHE B 66 -12.71 -5.32 -11.96
N HIS B 67 -11.70 -5.91 -11.34
CA HIS B 67 -11.89 -7.23 -10.76
C HIS B 67 -11.47 -7.20 -9.34
N VAL B 68 -12.11 -8.01 -8.52
CA VAL B 68 -11.65 -8.25 -7.15
C VAL B 68 -11.16 -9.68 -7.08
N ASN B 69 -9.86 -9.88 -6.89
CA ASN B 69 -9.33 -11.20 -6.92
C ASN B 69 -9.00 -11.70 -5.54
N PHE B 70 -9.05 -13.04 -5.45
CA PHE B 70 -8.85 -13.79 -4.20
C PHE B 70 -7.63 -14.72 -4.28
N GLU B 71 -7.01 -14.94 -3.12
CA GLU B 71 -5.98 -15.98 -3.03
C GLU B 71 -6.58 -17.36 -3.42
N ASP B 72 -5.99 -18.08 -4.34
CA ASP B 72 -6.61 -19.34 -4.76
C ASP B 72 -5.65 -20.54 -4.74
N ASN B 73 -4.76 -20.49 -3.75
CA ASN B 73 -3.74 -21.55 -3.62
C ASN B 73 -4.24 -22.76 -2.87
N ASP B 74 -5.38 -22.62 -2.20
CA ASP B 74 -5.90 -23.73 -1.46
C ASP B 74 -7.43 -23.62 -1.49
N ASN B 75 -8.10 -24.61 -0.94
CA ASN B 75 -9.58 -24.58 -0.95
C ASN B 75 -10.19 -23.93 0.25
N ARG B 76 -9.60 -22.83 0.79
CA ARG B 76 -10.31 -22.12 1.84
C ARG B 76 -11.74 -21.60 1.48
N SER B 77 -11.89 -21.17 0.21
CA SER B 77 -13.13 -20.55 -0.29
C SER B 77 -13.63 -21.36 -1.47
N VAL B 78 -14.75 -22.08 -1.23
CA VAL B 78 -15.30 -22.95 -2.26
C VAL B 78 -16.82 -22.84 -2.44
N LEU B 79 -17.12 -23.19 -3.70
CA LEU B 79 -18.48 -23.44 -4.17
C LEU B 79 -18.65 -24.95 -4.31
N LYS B 80 -19.77 -25.41 -3.78
CA LYS B 80 -20.12 -26.84 -3.88
C LYS B 80 -21.61 -26.95 -4.17
N GLY B 81 -22.07 -28.14 -4.51
CA GLY B 81 -23.51 -28.35 -4.64
C GLY B 81 -23.98 -28.02 -6.04
N GLY B 82 -25.29 -27.71 -6.18
CA GLY B 82 -25.84 -27.40 -7.48
C GLY B 82 -25.66 -28.56 -8.42
N PRO B 83 -25.09 -28.35 -9.57
CA PRO B 83 -24.91 -29.44 -10.56
C PRO B 83 -23.60 -30.19 -10.36
N PHE B 84 -22.80 -29.81 -9.36
CA PHE B 84 -21.36 -30.19 -9.34
C PHE B 84 -21.21 -31.38 -8.41
N SER B 85 -20.25 -32.26 -8.71
CA SER B 85 -19.85 -33.21 -7.68
C SER B 85 -18.51 -32.84 -7.06
N ASP B 86 -17.76 -31.97 -7.77
CA ASP B 86 -16.45 -31.39 -7.38
C ASP B 86 -16.64 -30.06 -6.65
N SER B 87 -15.71 -29.66 -5.77
CA SER B 87 -15.70 -28.29 -5.21
C SER B 87 -14.96 -27.41 -6.18
N TYR B 88 -15.44 -26.16 -6.29
CA TYR B 88 -14.77 -25.16 -7.10
C TYR B 88 -14.27 -24.01 -6.22
N ARG B 89 -13.03 -23.62 -6.51
CA ARG B 89 -12.28 -22.62 -5.70
C ARG B 89 -12.56 -21.14 -6.15
N LEU B 90 -13.04 -20.33 -5.26
CA LEU B 90 -13.28 -18.87 -5.53
C LEU B 90 -11.96 -18.21 -6.04
N PHE B 91 -12.02 -17.49 -7.19
CA PHE B 91 -10.84 -16.70 -7.56
C PHE B 91 -11.16 -15.25 -7.83
N GLN B 92 -12.42 -14.86 -8.10
CA GLN B 92 -12.59 -13.44 -8.53
C GLN B 92 -14.10 -13.13 -8.37
N PHE B 93 -14.46 -11.87 -8.14
CA PHE B 93 -15.75 -11.37 -8.59
C PHE B 93 -15.65 -10.02 -9.27
N HIS B 94 -16.59 -9.76 -10.15
CA HIS B 94 -16.58 -8.50 -10.90
C HIS B 94 -18.01 -8.22 -11.33
N PHE B 95 -18.25 -7.12 -12.05
CA PHE B 95 -19.57 -6.71 -12.51
C PHE B 95 -19.58 -6.45 -13.97
N HIS B 96 -20.72 -6.46 -14.61
CA HIS B 96 -20.96 -5.89 -15.92
C HIS B 96 -22.05 -4.83 -15.77
N TRP B 97 -21.94 -3.83 -16.59
CA TRP B 97 -22.99 -2.78 -16.61
C TRP B 97 -23.11 -2.21 -18.03
N GLY B 98 -24.07 -1.27 -18.21
CA GLY B 98 -24.41 -0.79 -19.52
C GLY B 98 -24.34 0.76 -19.55
N SER B 99 -24.53 1.34 -20.72
N SER B 99 -24.53 1.35 -20.72
CA SER B 99 -24.38 2.80 -20.85
CA SER B 99 -24.45 2.81 -20.88
C SER B 99 -25.57 3.57 -20.28
C SER B 99 -25.51 3.53 -20.04
N THR B 100 -26.66 2.87 -19.98
CA THR B 100 -27.83 3.46 -19.32
C THR B 100 -28.25 2.49 -18.24
N ASN B 101 -29.15 2.91 -17.37
CA ASN B 101 -29.67 1.91 -16.38
C ASN B 101 -30.62 0.90 -17.07
N GLU B 102 -31.06 1.10 -18.32
CA GLU B 102 -32.06 0.16 -18.95
C GLU B 102 -31.51 -1.17 -19.43
N HIS B 103 -30.17 -1.26 -19.51
CA HIS B 103 -29.61 -2.49 -19.96
C HIS B 103 -28.20 -2.47 -19.74
N GLY B 104 -27.89 -3.24 -18.75
CA GLY B 104 -26.47 -3.49 -18.44
C GLY B 104 -26.13 -4.88 -18.04
N SER B 105 -27.15 -5.71 -17.82
CA SER B 105 -26.85 -7.12 -17.46
C SER B 105 -26.38 -7.83 -18.73
N GLU B 106 -25.83 -9.04 -18.51
CA GLU B 106 -25.49 -9.88 -19.62
C GLU B 106 -26.58 -10.93 -19.85
N HIS B 107 -26.86 -11.77 -18.87
CA HIS B 107 -28.02 -12.67 -19.03
C HIS B 107 -29.26 -11.79 -19.01
N THR B 108 -30.25 -12.32 -19.70
CA THR B 108 -31.63 -11.79 -19.62
C THR B 108 -32.57 -12.91 -19.25
N VAL B 109 -33.75 -12.54 -18.80
CA VAL B 109 -34.78 -13.53 -18.40
C VAL B 109 -36.07 -13.17 -19.12
N ASP B 110 -36.56 -14.06 -19.96
CA ASP B 110 -37.75 -13.78 -20.85
C ASP B 110 -37.59 -12.45 -21.55
N GLY B 111 -36.40 -12.19 -22.03
CA GLY B 111 -36.13 -11.04 -22.89
C GLY B 111 -35.86 -9.78 -22.10
N VAL B 112 -36.04 -9.81 -20.79
CA VAL B 112 -35.91 -8.63 -19.97
C VAL B 112 -34.41 -8.47 -19.55
N LYS B 113 -33.89 -7.27 -19.78
CA LYS B 113 -32.47 -6.90 -19.46
C LYS B 113 -32.52 -6.05 -18.21
N TYR B 114 -31.61 -6.36 -17.27
CA TYR B 114 -31.47 -5.73 -15.99
C TYR B 114 -30.36 -4.67 -16.05
N SER B 115 -30.10 -3.95 -14.96
CA SER B 115 -29.21 -2.84 -15.02
C SER B 115 -27.78 -3.24 -14.98
N ALA B 116 -27.51 -4.39 -14.30
CA ALA B 116 -26.08 -4.74 -14.19
C ALA B 116 -26.10 -6.21 -13.76
N GLU B 117 -24.88 -6.80 -13.64
CA GLU B 117 -24.80 -8.26 -13.30
C GLU B 117 -23.56 -8.46 -12.51
N LEU B 118 -23.63 -9.26 -11.44
CA LEU B 118 -22.50 -9.64 -10.62
C LEU B 118 -22.05 -11.02 -11.06
N HIS B 119 -20.76 -11.22 -11.25
CA HIS B 119 -20.18 -12.57 -11.54
C HIS B 119 -19.24 -12.93 -10.46
N VAL B 120 -19.39 -14.15 -9.94
CA VAL B 120 -18.50 -14.69 -8.87
C VAL B 120 -17.92 -15.95 -9.46
N ALA B 121 -16.61 -15.96 -9.74
CA ALA B 121 -15.94 -16.97 -10.54
C ALA B 121 -15.02 -17.88 -9.77
N HIS B 122 -15.13 -19.17 -10.15
CA HIS B 122 -14.42 -20.27 -9.46
C HIS B 122 -13.85 -21.22 -10.46
N TRP B 123 -12.86 -21.98 -9.99
CA TRP B 123 -12.26 -23.01 -10.86
C TRP B 123 -12.17 -24.40 -10.18
N ASN B 124 -12.12 -25.46 -11.01
CA ASN B 124 -12.16 -26.85 -10.58
C ASN B 124 -10.77 -27.33 -10.06
N SER B 125 -10.59 -27.08 -8.78
CA SER B 125 -9.50 -27.61 -7.94
C SER B 125 -9.60 -29.11 -7.59
N ALA B 126 -10.74 -29.74 -7.85
CA ALA B 126 -10.77 -31.23 -7.76
C ALA B 126 -9.99 -31.89 -8.90
N LYS B 127 -10.14 -31.40 -10.12
CA LYS B 127 -9.59 -32.02 -11.34
C LYS B 127 -8.33 -31.36 -11.79
N TYR B 128 -8.20 -30.09 -11.49
CA TYR B 128 -7.13 -29.36 -12.06
C TYR B 128 -6.31 -28.75 -10.93
N SER B 129 -5.12 -28.22 -11.30
CA SER B 129 -4.19 -27.75 -10.28
C SER B 129 -3.97 -26.24 -10.29
N SER B 130 -4.43 -25.60 -11.35
CA SER B 130 -4.42 -24.15 -11.37
C SER B 130 -5.54 -23.55 -12.24
N LEU B 131 -5.79 -22.27 -12.04
CA LEU B 131 -6.69 -21.58 -12.94
C LEU B 131 -6.26 -21.60 -14.36
N ALA B 132 -4.95 -21.38 -14.64
CA ALA B 132 -4.48 -21.51 -16.03
C ALA B 132 -4.77 -22.87 -16.74
N GLU B 133 -4.64 -23.96 -15.98
CA GLU B 133 -4.99 -25.31 -16.47
C GLU B 133 -6.55 -25.48 -16.70
N ALA B 134 -7.30 -25.08 -15.67
CA ALA B 134 -8.78 -25.23 -15.65
C ALA B 134 -9.49 -24.34 -16.70
N ALA B 135 -8.96 -23.19 -17.02
CA ALA B 135 -9.73 -22.20 -17.80
C ALA B 135 -10.22 -22.61 -19.16
N SER B 136 -9.52 -23.54 -19.83
CA SER B 136 -9.82 -23.95 -21.23
C SER B 136 -10.64 -25.28 -21.19
N LYS B 137 -10.93 -25.80 -20.02
CA LYS B 137 -11.53 -27.16 -19.87
C LYS B 137 -13.06 -27.05 -19.79
N ALA B 138 -13.83 -27.98 -20.33
CA ALA B 138 -15.29 -27.83 -20.30
C ALA B 138 -15.83 -27.81 -18.90
N ASP B 139 -15.25 -28.53 -17.95
CA ASP B 139 -15.61 -28.57 -16.56
C ASP B 139 -14.69 -27.75 -15.71
N GLY B 140 -14.07 -26.75 -16.35
CA GLY B 140 -13.04 -26.05 -15.58
C GLY B 140 -13.46 -24.90 -14.69
N LEU B 141 -14.55 -24.29 -15.04
CA LEU B 141 -14.97 -23.04 -14.34
C LEU B 141 -16.44 -23.05 -13.93
N ALA B 142 -16.74 -22.34 -12.84
CA ALA B 142 -18.11 -22.19 -12.35
C ALA B 142 -18.30 -20.73 -12.04
N VAL B 143 -19.35 -20.13 -12.56
CA VAL B 143 -19.57 -18.70 -12.29
C VAL B 143 -21.02 -18.50 -11.91
N ILE B 144 -21.17 -17.87 -10.77
CA ILE B 144 -22.51 -17.43 -10.28
C ILE B 144 -22.81 -16.08 -10.77
N GLY B 145 -23.93 -15.94 -11.48
CA GLY B 145 -24.40 -14.64 -12.01
C GLY B 145 -25.59 -14.19 -11.17
N VAL B 146 -25.56 -12.92 -10.80
CA VAL B 146 -26.70 -12.31 -10.08
C VAL B 146 -27.11 -11.04 -10.78
N LEU B 147 -28.38 -11.01 -11.22
CA LEU B 147 -28.92 -9.86 -11.93
C LEU B 147 -29.17 -8.71 -10.94
N MET B 148 -28.77 -7.49 -11.36
CA MET B 148 -28.89 -6.31 -10.49
C MET B 148 -29.91 -5.33 -11.05
N LYS B 149 -30.94 -5.00 -10.26
CA LYS B 149 -32.06 -4.15 -10.65
C LYS B 149 -31.92 -2.74 -10.03
N VAL B 150 -31.97 -1.78 -10.92
CA VAL B 150 -31.80 -0.37 -10.43
C VAL B 150 -32.97 -0.01 -9.51
N GLY B 151 -32.62 0.55 -8.38
CA GLY B 151 -33.61 0.97 -7.34
C GLY B 151 -32.88 1.51 -6.12
N GLU B 152 -33.14 0.96 -4.93
CA GLU B 152 -32.53 1.45 -3.73
C GLU B 152 -31.02 1.20 -3.78
N ALA B 153 -30.23 2.09 -3.14
CA ALA B 153 -28.82 1.79 -3.03
C ALA B 153 -28.61 0.54 -2.25
N ASN B 154 -27.60 -0.23 -2.63
CA ASN B 154 -27.30 -1.48 -2.01
C ASN B 154 -26.09 -1.30 -1.11
N PRO B 155 -26.26 -1.27 0.20
CA PRO B 155 -25.17 -0.99 1.12
C PRO B 155 -24.09 -2.04 1.17
N LYS B 156 -24.38 -3.23 0.69
CA LYS B 156 -23.38 -4.29 0.68
C LYS B 156 -22.29 -4.03 -0.35
N LEU B 157 -22.58 -3.17 -1.29
CA LEU B 157 -21.60 -2.73 -2.31
C LEU B 157 -20.66 -1.68 -1.84
N GLN B 158 -20.77 -1.21 -0.59
N GLN B 158 -20.83 -1.05 -0.70
CA GLN B 158 -20.06 0.02 -0.19
CA GLN B 158 -20.03 0.16 -0.47
C GLN B 158 -18.58 -0.14 -0.31
C GLN B 158 -18.50 -0.07 -0.14
N LYS B 159 -18.06 -1.26 0.26
CA LYS B 159 -16.60 -1.51 0.38
C LYS B 159 -16.04 -1.51 -1.01
N VAL B 160 -16.73 -2.19 -1.96
CA VAL B 160 -16.25 -2.22 -3.31
C VAL B 160 -16.22 -0.80 -3.91
N LEU B 161 -17.33 -0.07 -3.79
CA LEU B 161 -17.41 1.24 -4.36
C LEU B 161 -16.38 2.23 -3.83
N ASP B 162 -16.14 2.14 -2.53
CA ASP B 162 -15.23 3.05 -1.81
C ASP B 162 -13.80 2.75 -2.29
N ALA B 163 -13.57 1.55 -2.79
CA ALA B 163 -12.22 1.17 -3.27
C ALA B 163 -11.88 1.73 -4.63
N LEU B 164 -12.83 2.17 -5.39
CA LEU B 164 -12.65 2.43 -6.75
C LEU B 164 -11.74 3.68 -6.87
N GLN B 165 -11.82 4.62 -5.94
CA GLN B 165 -10.99 5.81 -6.12
C GLN B 165 -9.49 5.52 -6.17
N ALA B 166 -9.09 4.38 -5.66
CA ALA B 166 -7.63 4.04 -5.66
C ALA B 166 -7.28 3.28 -6.90
N ILE B 167 -8.23 2.96 -7.79
CA ILE B 167 -7.90 2.19 -8.99
C ILE B 167 -8.52 2.82 -10.24
N LYS B 168 -8.45 4.19 -10.36
CA LYS B 168 -9.14 4.81 -11.37
C LYS B 168 -8.91 4.58 -12.78
N THR B 169 -7.57 4.32 -13.04
CA THR B 169 -7.10 4.20 -14.39
C THR B 169 -6.56 2.74 -14.62
N LYS B 170 -6.48 2.41 -15.90
N LYS B 170 -6.53 2.38 -15.90
CA LYS B 170 -6.06 1.07 -16.29
CA LYS B 170 -6.17 1.01 -16.35
C LYS B 170 -4.75 0.63 -15.65
C LYS B 170 -4.82 0.58 -15.83
N GLY B 171 -4.74 -0.57 -15.16
CA GLY B 171 -3.52 -1.08 -14.52
C GLY B 171 -3.38 -0.84 -13.10
N LYS B 172 -4.13 0.18 -12.55
CA LYS B 172 -3.94 0.37 -11.14
C LYS B 172 -4.57 -0.73 -10.35
N ARG B 173 -4.00 -0.96 -9.19
CA ARG B 173 -4.40 -2.04 -8.28
C ARG B 173 -4.18 -1.67 -6.85
N ALA B 174 -4.92 -2.29 -5.93
CA ALA B 174 -4.74 -2.03 -4.56
C ALA B 174 -5.11 -3.18 -3.69
N PRO B 175 -4.62 -3.31 -2.46
CA PRO B 175 -5.07 -4.44 -1.60
C PRO B 175 -6.54 -4.30 -1.32
N PHE B 176 -7.20 -5.46 -1.22
CA PHE B 176 -8.62 -5.50 -0.93
C PHE B 176 -8.84 -6.75 -0.11
N THR B 177 -8.99 -6.58 1.22
CA THR B 177 -8.88 -7.72 2.18
C THR B 177 -10.13 -7.87 3.06
N ASN B 178 -10.23 -9.05 3.65
CA ASN B 178 -11.21 -9.32 4.68
C ASN B 178 -12.60 -9.02 4.07
N PHE B 179 -12.95 -9.81 3.06
CA PHE B 179 -14.29 -9.59 2.40
C PHE B 179 -14.77 -10.95 1.93
N ASP B 180 -16.04 -11.25 2.27
CA ASP B 180 -16.68 -12.49 1.86
C ASP B 180 -17.74 -12.10 0.81
N PRO B 181 -17.53 -12.46 -0.43
CA PRO B 181 -18.44 -11.95 -1.46
C PRO B 181 -19.82 -12.64 -1.44
N SER B 182 -19.95 -13.64 -0.55
CA SER B 182 -21.26 -14.32 -0.48
C SER B 182 -22.23 -13.28 0.15
N THR B 183 -21.71 -12.25 0.80
CA THR B 183 -22.57 -11.13 1.28
C THR B 183 -23.27 -10.35 0.15
N LEU B 184 -22.84 -10.50 -1.11
CA LEU B 184 -23.42 -9.80 -2.23
C LEU B 184 -24.56 -10.60 -2.86
N LEU B 185 -24.64 -11.90 -2.50
CA LEU B 185 -25.62 -12.70 -3.13
C LEU B 185 -27.02 -12.45 -2.55
N PRO B 186 -28.06 -12.84 -3.27
CA PRO B 186 -29.42 -12.75 -2.71
C PRO B 186 -29.64 -13.72 -1.56
N SER B 187 -30.71 -13.49 -0.81
CA SER B 187 -31.04 -14.29 0.39
C SER B 187 -31.24 -15.75 -0.03
N SER B 188 -31.94 -15.95 -1.13
CA SER B 188 -32.24 -17.30 -1.59
C SER B 188 -31.27 -17.56 -2.71
N LEU B 189 -30.76 -18.78 -2.78
CA LEU B 189 -29.92 -19.20 -3.93
C LEU B 189 -30.57 -20.20 -4.90
N ASP B 190 -31.87 -20.07 -5.04
CA ASP B 190 -32.52 -20.75 -6.18
C ASP B 190 -31.89 -20.35 -7.49
N PHE B 191 -31.68 -21.27 -8.39
CA PHE B 191 -30.86 -20.96 -9.58
C PHE B 191 -31.30 -21.70 -10.88
N TRP B 192 -30.87 -21.21 -11.99
CA TRP B 192 -30.81 -21.86 -13.26
C TRP B 192 -29.38 -22.21 -13.55
N THR B 193 -29.17 -23.23 -14.37
CA THR B 193 -27.83 -23.61 -14.84
C THR B 193 -27.82 -24.04 -16.27
N TYR B 194 -26.73 -23.68 -16.94
CA TYR B 194 -26.54 -24.14 -18.27
C TYR B 194 -25.04 -24.17 -18.57
N PRO B 195 -24.59 -24.92 -19.55
CA PRO B 195 -23.19 -24.94 -19.96
C PRO B 195 -22.90 -23.82 -20.94
N GLY B 196 -21.88 -23.02 -20.62
CA GLY B 196 -21.54 -21.96 -21.49
C GLY B 196 -20.15 -21.49 -21.41
N SER B 197 -19.92 -20.20 -21.54
CA SER B 197 -18.58 -19.72 -21.85
C SER B 197 -18.23 -18.50 -20.95
N LEU B 198 -16.96 -18.07 -21.01
CA LEU B 198 -16.61 -16.75 -20.57
C LEU B 198 -17.33 -15.80 -21.50
N THR B 199 -17.72 -14.64 -20.95
CA THR B 199 -18.54 -13.74 -21.79
C THR B 199 -17.69 -12.64 -22.44
N HIS B 200 -16.33 -12.72 -22.31
CA HIS B 200 -15.50 -11.87 -23.14
C HIS B 200 -14.25 -12.68 -23.49
N PRO B 201 -13.41 -12.17 -24.41
CA PRO B 201 -12.22 -12.98 -24.68
C PRO B 201 -11.45 -13.34 -23.44
N PRO B 202 -10.91 -14.57 -23.41
CA PRO B 202 -10.78 -15.52 -24.48
C PRO B 202 -11.98 -16.40 -24.84
N LEU B 203 -13.13 -16.13 -24.18
CA LEU B 203 -14.42 -16.74 -24.60
C LEU B 203 -14.44 -18.29 -24.53
N TYR B 204 -13.51 -18.85 -23.78
CA TYR B 204 -13.51 -20.30 -23.62
C TYR B 204 -14.84 -20.87 -23.16
N GLU B 205 -15.16 -21.99 -23.78
CA GLU B 205 -16.38 -22.70 -23.43
C GLU B 205 -16.19 -23.64 -22.26
N SER B 206 -15.88 -23.06 -21.12
CA SER B 206 -15.47 -23.71 -19.94
C SER B 206 -16.26 -23.46 -18.71
N VAL B 207 -17.42 -22.79 -18.84
CA VAL B 207 -18.18 -22.28 -17.66
C VAL B 207 -19.47 -23.01 -17.44
N THR B 208 -19.64 -23.52 -16.25
CA THR B 208 -20.97 -23.96 -15.82
C THR B 208 -21.54 -22.70 -15.16
N TRP B 209 -22.64 -22.17 -15.75
CA TRP B 209 -23.28 -20.94 -15.21
C TRP B 209 -24.28 -21.28 -14.16
N ILE B 210 -24.26 -20.55 -13.05
CA ILE B 210 -25.31 -20.65 -12.03
C ILE B 210 -25.94 -19.29 -11.97
N ILE B 211 -27.19 -19.14 -12.45
CA ILE B 211 -27.79 -17.80 -12.57
C ILE B 211 -28.85 -17.79 -11.43
N CYS B 212 -28.72 -16.86 -10.49
CA CYS B 212 -29.68 -16.78 -9.39
C CYS B 212 -31.02 -16.30 -9.89
N LYS B 213 -32.09 -16.99 -9.39
CA LYS B 213 -33.39 -16.55 -9.71
C LYS B 213 -33.72 -15.18 -9.09
N GLU B 214 -33.19 -14.92 -7.91
CA GLU B 214 -33.47 -13.63 -7.14
C GLU B 214 -32.45 -12.60 -7.54
N SER B 215 -32.89 -11.37 -7.74
CA SER B 215 -31.97 -10.23 -8.07
C SER B 215 -31.53 -9.54 -6.77
N ILE B 216 -30.53 -8.63 -6.93
CA ILE B 216 -30.14 -7.72 -5.82
C ILE B 216 -30.29 -6.31 -6.40
N SER B 217 -30.33 -5.32 -5.51
N SER B 217 -30.26 -5.35 -5.48
CA SER B 217 -30.56 -3.93 -5.97
CA SER B 217 -30.51 -3.96 -5.88
C SER B 217 -29.24 -3.21 -6.14
C SER B 217 -29.21 -3.23 -6.18
N VAL B 218 -29.33 -2.07 -6.81
CA VAL B 218 -28.22 -1.17 -7.02
C VAL B 218 -28.84 0.19 -7.26
N SER B 219 -28.23 1.33 -6.88
CA SER B 219 -28.87 2.58 -7.20
C SER B 219 -28.28 3.18 -8.46
N SER B 220 -28.98 4.14 -9.06
N SER B 220 -28.98 4.15 -9.09
CA SER B 220 -28.53 4.84 -10.24
CA SER B 220 -28.45 4.87 -10.24
C SER B 220 -27.20 5.57 -9.99
C SER B 220 -27.07 5.43 -9.92
N GLU B 221 -26.92 6.01 -8.75
CA GLU B 221 -25.61 6.67 -8.42
C GLU B 221 -24.50 5.62 -8.22
N GLN B 222 -24.82 4.40 -7.70
CA GLN B 222 -23.82 3.37 -7.65
C GLN B 222 -23.47 2.91 -9.02
N LEU B 223 -24.37 2.84 -9.97
CA LEU B 223 -23.98 2.49 -11.34
C LEU B 223 -23.10 3.55 -11.95
N ALA B 224 -23.35 4.81 -11.61
CA ALA B 224 -22.53 5.88 -12.16
C ALA B 224 -21.14 5.74 -11.62
N GLN B 225 -20.91 5.23 -10.42
CA GLN B 225 -19.58 5.02 -9.84
C GLN B 225 -18.82 4.01 -10.68
N PHE B 226 -19.47 2.94 -11.09
CA PHE B 226 -18.79 1.97 -12.04
C PHE B 226 -18.41 2.73 -13.35
N ARG B 227 -19.30 3.47 -13.97
CA ARG B 227 -19.02 4.17 -15.26
C ARG B 227 -18.03 5.30 -15.11
N SER B 228 -17.67 5.64 -13.90
CA SER B 228 -16.71 6.76 -13.74
C SER B 228 -15.29 6.17 -13.65
N LEU B 229 -15.15 4.83 -13.51
CA LEU B 229 -13.80 4.30 -13.75
C LEU B 229 -13.41 4.63 -15.15
N LEU B 230 -12.06 4.61 -15.31
CA LEU B 230 -11.48 5.00 -16.60
C LEU B 230 -10.70 3.87 -17.24
N SER B 231 -10.92 3.83 -18.53
CA SER B 231 -10.35 2.68 -19.38
C SER B 231 -8.94 3.00 -19.82
N ASN B 232 -8.58 4.27 -19.75
CA ASN B 232 -7.20 4.69 -20.17
C ASN B 232 -6.21 4.55 -19.07
N VAL B 233 -4.90 4.60 -19.43
CA VAL B 233 -3.84 4.66 -18.40
C VAL B 233 -3.64 6.05 -17.86
N GLU B 234 -3.08 6.12 -16.67
CA GLU B 234 -2.83 7.38 -16.00
C GLU B 234 -2.10 8.33 -16.99
N GLY B 235 -2.66 9.52 -17.13
CA GLY B 235 -1.98 10.67 -17.79
C GLY B 235 -2.53 10.85 -19.15
N ASP B 236 -3.13 9.81 -19.74
CA ASP B 236 -3.83 9.95 -20.98
C ASP B 236 -5.21 10.67 -20.72
N ASN B 237 -5.86 11.08 -21.78
CA ASN B 237 -7.17 11.75 -21.61
C ASN B 237 -8.13 10.68 -21.04
N ALA B 238 -8.97 11.15 -20.14
CA ALA B 238 -9.89 10.25 -19.44
C ALA B 238 -10.97 9.69 -20.37
N VAL B 239 -11.15 8.37 -20.34
CA VAL B 239 -12.18 7.73 -21.15
C VAL B 239 -13.01 6.83 -20.21
N PRO B 240 -14.21 7.27 -19.86
CA PRO B 240 -15.03 6.52 -18.90
C PRO B 240 -15.34 5.15 -19.49
N MET B 241 -15.43 4.22 -18.55
CA MET B 241 -15.77 2.80 -18.80
C MET B 241 -17.33 2.71 -18.88
N GLN B 242 -17.88 3.00 -20.02
CA GLN B 242 -19.33 3.26 -20.05
C GLN B 242 -20.14 1.97 -20.04
N HIS B 243 -19.57 0.88 -20.58
CA HIS B 243 -20.36 -0.37 -20.68
C HIS B 243 -19.45 -1.50 -20.96
N ASN B 244 -19.89 -2.69 -20.54
CA ASN B 244 -18.99 -3.87 -20.71
C ASN B 244 -19.84 -5.10 -20.72
N ASN B 245 -21.06 -5.01 -21.24
CA ASN B 245 -21.84 -6.23 -21.36
C ASN B 245 -21.96 -6.76 -22.79
N ARG B 246 -21.82 -8.09 -22.91
CA ARG B 246 -21.99 -8.69 -24.19
C ARG B 246 -23.50 -9.04 -24.46
N PRO B 247 -23.94 -8.95 -25.74
CA PRO B 247 -25.29 -9.37 -26.10
C PRO B 247 -25.49 -10.84 -25.85
N THR B 248 -26.74 -11.27 -25.66
CA THR B 248 -27.01 -12.68 -25.53
C THR B 248 -26.79 -13.43 -26.86
N GLN B 249 -26.41 -14.70 -26.69
CA GLN B 249 -25.96 -15.54 -27.75
C GLN B 249 -26.90 -16.71 -27.94
N PRO B 250 -26.88 -17.29 -29.18
CA PRO B 250 -27.83 -18.36 -29.32
C PRO B 250 -27.60 -19.59 -28.52
N LEU B 251 -28.68 -20.14 -28.07
CA LEU B 251 -28.69 -21.30 -27.27
C LEU B 251 -28.18 -22.56 -27.97
N LYS B 252 -28.39 -22.63 -29.30
CA LYS B 252 -27.95 -23.78 -30.09
C LYS B 252 -28.28 -25.11 -29.45
N GLY B 253 -29.54 -25.30 -29.06
CA GLY B 253 -29.93 -26.61 -28.52
C GLY B 253 -29.62 -26.90 -27.06
N ARG B 254 -28.88 -26.01 -26.36
CA ARG B 254 -28.62 -26.20 -24.98
C ARG B 254 -29.94 -26.12 -24.21
N THR B 255 -29.86 -26.73 -23.05
CA THR B 255 -30.97 -26.71 -22.08
C THR B 255 -30.63 -25.93 -20.81
N VAL B 256 -31.54 -25.04 -20.41
CA VAL B 256 -31.38 -24.40 -19.13
C VAL B 256 -32.14 -25.15 -18.08
N ARG B 257 -31.46 -25.59 -17.02
CA ARG B 257 -32.04 -26.45 -15.96
C ARG B 257 -32.43 -25.51 -14.82
N ALA B 258 -33.53 -25.75 -14.16
CA ALA B 258 -33.98 -25.03 -12.97
C ALA B 258 -33.86 -25.83 -11.69
N SER B 259 -33.35 -25.26 -10.58
N SER B 259 -33.37 -25.24 -10.60
CA SER B 259 -33.41 -25.89 -9.28
CA SER B 259 -33.23 -25.90 -9.33
C SER B 259 -34.86 -25.89 -8.75
C SER B 259 -34.57 -25.97 -8.60
N PHE B 260 -35.09 -26.62 -7.67
N PHE B 260 -35.55 -25.18 -9.07
CA PHE B 260 -36.41 -26.88 -7.11
CA PHE B 260 -36.74 -24.84 -8.31
C PHE B 260 -37.15 -25.60 -6.77
C PHE B 260 -38.06 -25.03 -9.05
#